data_5KID
#
_entry.id   5KID
#
_cell.length_a   115.547
_cell.length_b   115.547
_cell.length_c   118.028
_cell.angle_alpha   90.00
_cell.angle_beta   90.00
_cell.angle_gamma   90.00
#
_symmetry.space_group_name_H-M   'P 41 21 2'
#
loop_
_entity.id
_entity.type
_entity.pdbx_description
1 polymer 'Neutrophil gelatinase-associated lipocalin'
2 non-polymer 'THORIUM ION'
3 non-polymer "N,N'-(butane-1,4-diyl)bis(N-{3-[(2,3-dihydroxybenzene-1-carbonyl)amino]propyl}-2,3-dihydroxybenzamide)"
4 non-polymer 'SULFATE ION'
5 non-polymer 'CHLORIDE ION'
6 non-polymer GLYCEROL
7 water water
#
_entity_poly.entity_id   1
_entity_poly.type   'polypeptide(L)'
_entity_poly.pdbx_seq_one_letter_code
;GSQDSTSDLIPAPPLSKVPLQQNFQDNQFQGKWYVVGLAGNAILREDKDPQKMYATIYELKEDKSYNVTSVLFRKKKCDY
WIRTFVPGSQPGEFTLGNIKSYPGLTSYLVRVVSTNYNQHAMVFFKKVSQNREYFKITLYGRTKELTSELKENFIRFSKS
LGLPENHIVFPVPIDQCIDG
;
_entity_poly.pdbx_strand_id   A,B,C
#
loop_
_chem_comp.id
_chem_comp.type
_chem_comp.name
_chem_comp.formula
7K9 non-polymer N,N'-(butane-1,4-diyl)bis(N-{3-[(2,3-dihydroxybenzene-1-carbonyl)amino]propyl}-2,3-dihydroxybenzamide) 'C38 H42 N4 O12'
CL non-polymer 'CHLORIDE ION' 'Cl -1'
GOL non-polymer GLYCEROL 'C3 H8 O3'
SO4 non-polymer 'SULFATE ION' 'O4 S -2'
TH non-polymer 'THORIUM ION' 'Th 4'
#
# COMPACT_ATOMS: atom_id res chain seq x y z
N SER A 7 -28.50 18.13 -9.91
CA SER A 7 -27.67 16.93 -10.07
C SER A 7 -28.42 15.60 -9.79
N ASP A 8 -27.76 14.51 -10.21
CA ASP A 8 -28.19 13.13 -9.84
C ASP A 8 -27.06 12.55 -8.98
N LEU A 9 -27.42 11.96 -7.85
CA LEU A 9 -26.43 11.44 -6.92
C LEU A 9 -26.71 9.97 -6.62
N ILE A 10 -25.63 9.20 -6.48
CA ILE A 10 -25.69 7.84 -6.02
C ILE A 10 -26.19 7.91 -4.57
N PRO A 11 -27.23 7.16 -4.18
CA PRO A 11 -27.79 7.31 -2.83
C PRO A 11 -26.80 6.86 -1.77
N ALA A 12 -26.89 7.46 -0.59
CA ALA A 12 -26.09 7.07 0.54
C ALA A 12 -26.45 5.64 0.92
N PRO A 13 -25.47 4.83 1.35
CA PRO A 13 -25.78 3.47 1.75
C PRO A 13 -26.46 3.46 3.12
N PRO A 14 -27.27 2.44 3.43
CA PRO A 14 -27.68 2.28 4.84
C PRO A 14 -26.47 2.05 5.76
N LEU A 15 -26.56 2.58 6.99
CA LEU A 15 -25.44 2.54 7.93
C LEU A 15 -25.01 1.11 8.29
N SER A 16 -25.92 0.16 8.15
CA SER A 16 -25.61 -1.25 8.27
C SER A 16 -24.55 -1.75 7.29
N LYS A 17 -24.32 -1.07 6.16
CA LYS A 17 -23.18 -1.47 5.31
C LYS A 17 -21.84 -0.83 5.73
N VAL A 18 -21.84 0.02 6.77
CA VAL A 18 -20.66 0.81 7.20
C VAL A 18 -20.23 0.32 8.58
N PRO A 19 -19.17 -0.51 8.64
CA PRO A 19 -18.70 -1.01 9.94
C PRO A 19 -18.18 0.10 10.84
N LEU A 20 -18.18 -0.15 12.13
CA LEU A 20 -17.60 0.75 13.11
C LEU A 20 -16.37 0.08 13.72
N GLN A 21 -15.24 0.75 13.81
CA GLN A 21 -14.07 0.23 14.49
C GLN A 21 -14.44 -0.19 15.90
N GLN A 22 -14.19 -1.47 16.21
CA GLN A 22 -14.47 -1.97 17.57
C GLN A 22 -13.49 -1.32 18.58
N ASN A 23 -14.00 -0.98 19.75
CA ASN A 23 -13.17 -0.45 20.85
C ASN A 23 -12.25 0.69 20.41
N PHE A 24 -12.85 1.65 19.71
CA PHE A 24 -12.16 2.77 19.19
C PHE A 24 -11.43 3.52 20.30
N GLN A 25 -10.18 3.90 20.06
CA GLN A 25 -9.33 4.63 21.02
C GLN A 25 -9.08 6.06 20.59
N ASP A 26 -9.79 6.98 21.22
CA ASP A 26 -9.85 8.40 20.75
C ASP A 26 -8.50 9.11 20.84
N ASN A 27 -7.79 8.83 21.92
CA ASN A 27 -6.46 9.38 22.13
C ASN A 27 -5.45 8.87 21.08
N GLN A 28 -5.54 7.60 20.65
CA GLN A 28 -4.59 7.04 19.66
C GLN A 28 -4.91 7.52 18.24
N PHE A 29 -6.15 7.96 18.00
CA PHE A 29 -6.51 8.44 16.68
C PHE A 29 -6.08 9.85 16.40
N GLN A 30 -5.66 10.58 17.43
CA GLN A 30 -5.15 11.95 17.33
C GLN A 30 -3.92 12.13 16.44
N GLY A 31 -3.65 13.36 16.01
CA GLY A 31 -2.50 13.71 15.19
C GLY A 31 -2.82 13.85 13.70
N LYS A 32 -1.76 13.84 12.90
CA LYS A 32 -1.85 14.13 11.49
C LYS A 32 -2.10 12.86 10.72
N TRP A 33 -3.05 12.94 9.81
CA TRP A 33 -3.29 11.92 8.80
C TRP A 33 -3.30 12.53 7.42
N TYR A 34 -2.66 11.84 6.48
CA TYR A 34 -2.70 12.22 5.07
C TYR A 34 -3.89 11.53 4.40
N VAL A 35 -4.55 12.24 3.49
CA VAL A 35 -5.64 11.65 2.73
C VAL A 35 -5.07 10.97 1.49
N VAL A 36 -4.88 9.66 1.60
CA VAL A 36 -4.28 8.88 0.54
C VAL A 36 -5.31 8.32 -0.44
N GLY A 37 -6.55 8.22 0.00
CA GLY A 37 -7.67 7.84 -0.85
C GLY A 37 -8.92 8.60 -0.48
N LEU A 38 -9.75 8.85 -1.46
CA LEU A 38 -10.96 9.59 -1.28
C LEU A 38 -12.00 9.01 -2.23
N ALA A 39 -13.19 8.70 -1.71
CA ALA A 39 -14.29 8.25 -2.58
C ALA A 39 -15.63 8.79 -2.08
N GLY A 40 -16.55 9.02 -2.99
CA GLY A 40 -17.83 9.59 -2.62
C GLY A 40 -18.74 9.86 -3.78
N ASN A 41 -19.99 10.15 -3.48
CA ASN A 41 -20.97 10.35 -4.53
C ASN A 41 -20.88 11.71 -5.18
N ALA A 42 -20.10 12.61 -4.63
CA ALA A 42 -19.75 13.86 -5.29
C ALA A 42 -18.24 13.96 -5.60
N ILE A 43 -17.49 12.86 -5.46
CA ILE A 43 -16.06 12.84 -5.78
C ILE A 43 -15.92 12.32 -7.19
N LEU A 44 -15.16 13.02 -8.02
CA LEU A 44 -15.01 12.63 -9.45
C LEU A 44 -13.51 12.61 -9.81
N ARG A 45 -13.04 11.52 -10.39
CA ARG A 45 -11.69 11.44 -10.96
C ARG A 45 -11.48 12.51 -12.05
N GLU A 46 -10.33 13.18 -12.04
CA GLU A 46 -10.06 14.30 -12.99
C GLU A 46 -8.62 14.26 -13.50
N ASP A 47 -8.42 13.81 -14.74
CA ASP A 47 -7.05 13.76 -15.33
C ASP A 47 -6.51 15.16 -15.62
N LYS A 48 -7.39 16.07 -16.04
CA LYS A 48 -7.05 17.48 -16.35
C LYS A 48 -6.33 18.19 -15.18
N ASP A 49 -6.84 17.99 -13.96
CA ASP A 49 -6.20 18.51 -12.73
C ASP A 49 -6.44 17.53 -11.58
N PRO A 50 -5.57 16.51 -11.44
CA PRO A 50 -5.77 15.45 -10.43
C PRO A 50 -5.71 16.03 -9.00
N GLN A 51 -6.69 15.67 -8.17
CA GLN A 51 -6.72 16.06 -6.76
C GLN A 51 -5.34 15.91 -6.06
N LYS A 52 -4.87 17.00 -5.44
CA LYS A 52 -3.66 16.96 -4.61
C LYS A 52 -3.97 16.44 -3.23
N MET A 53 -3.05 15.67 -2.66
CA MET A 53 -3.16 15.24 -1.28
C MET A 53 -3.26 16.46 -0.32
N TYR A 54 -4.09 16.27 0.67
CA TYR A 54 -4.20 17.19 1.78
C TYR A 54 -4.08 16.37 3.06
N ALA A 55 -3.98 17.06 4.18
CA ALA A 55 -3.82 16.43 5.48
C ALA A 55 -4.91 16.90 6.42
N THR A 56 -5.23 16.08 7.43
CA THR A 56 -6.20 16.42 8.45
C THR A 56 -5.62 16.12 9.84
N ILE A 57 -5.66 17.09 10.75
CA ILE A 57 -5.13 16.96 12.08
C ILE A 57 -6.25 16.84 13.09
N TYR A 58 -6.22 15.78 13.87
CA TYR A 58 -7.24 15.51 14.90
C TYR A 58 -6.66 15.83 16.26
N GLU A 59 -7.22 16.79 16.97
CA GLU A 59 -6.76 17.08 18.33
C GLU A 59 -7.89 16.85 19.30
N LEU A 60 -7.66 16.00 20.27
CA LEU A 60 -8.65 15.63 21.25
C LEU A 60 -8.69 16.71 22.31
N LYS A 61 -9.81 17.41 22.42
CA LYS A 61 -9.99 18.44 23.43
C LYS A 61 -10.30 17.83 24.81
N GLU A 62 -10.22 18.68 25.84
CA GLU A 62 -10.52 18.33 27.24
C GLU A 62 -11.84 17.57 27.39
N ASP A 63 -12.88 18.07 26.73
CA ASP A 63 -14.23 17.50 26.78
C ASP A 63 -14.49 16.31 25.84
N LYS A 64 -13.44 15.79 25.19
CA LYS A 64 -13.46 14.58 24.34
C LYS A 64 -14.03 14.77 22.93
N SER A 65 -14.36 16.01 22.54
CA SER A 65 -14.60 16.30 21.14
C SER A 65 -13.25 16.50 20.43
N TYR A 66 -13.22 16.36 19.12
CA TYR A 66 -12.04 16.71 18.33
C TYR A 66 -12.14 18.08 17.71
N ASN A 67 -11.04 18.86 17.80
CA ASN A 67 -10.77 19.94 16.84
C ASN A 67 -10.08 19.35 15.62
N VAL A 68 -10.69 19.54 14.46
CA VAL A 68 -10.25 18.89 13.26
C VAL A 68 -9.83 19.95 12.25
N THR A 69 -8.54 19.96 11.90
CA THR A 69 -8.00 20.91 10.94
C THR A 69 -7.47 20.21 9.71
N SER A 70 -7.95 20.66 8.56
CA SER A 70 -7.48 20.20 7.28
C SER A 70 -6.65 21.30 6.62
N VAL A 71 -5.59 20.87 5.94
CA VAL A 71 -4.62 21.75 5.34
C VAL A 71 -4.55 21.29 3.88
N LEU A 72 -4.75 22.22 2.96
CA LEU A 72 -4.77 21.94 1.53
C LEU A 72 -3.94 23.01 0.82
N PHE A 73 -3.16 22.60 -0.17
CA PHE A 73 -2.41 23.51 -1.00
C PHE A 73 -3.26 23.90 -2.18
N ARG A 74 -3.54 25.20 -2.33
CA ARG A 74 -4.49 25.74 -3.29
C ARG A 74 -4.19 27.19 -3.61
N LYS A 75 -4.04 27.49 -4.91
CA LYS A 75 -3.68 28.83 -5.42
C LYS A 75 -2.40 29.39 -4.79
N LYS A 76 -1.41 28.50 -4.65
CA LYS A 76 -0.05 28.84 -4.19
C LYS A 76 0.05 29.04 -2.66
N LYS A 77 -1.02 28.75 -1.93
CA LYS A 77 -1.15 29.02 -0.53
C LYS A 77 -1.71 27.82 0.22
N CYS A 78 -1.51 27.85 1.53
CA CYS A 78 -2.09 26.85 2.43
C CYS A 78 -3.47 27.33 2.92
N ASP A 79 -4.48 26.51 2.69
CA ASP A 79 -5.84 26.80 3.14
C ASP A 79 -6.17 25.88 4.30
N TYR A 80 -6.73 26.46 5.35
CA TYR A 80 -7.07 25.76 6.56
C TYR A 80 -8.59 25.68 6.76
N TRP A 81 -9.14 24.49 7.00
CA TRP A 81 -10.58 24.28 7.22
C TRP A 81 -10.67 23.67 8.63
N ILE A 82 -11.44 24.28 9.51
CA ILE A 82 -11.58 23.84 10.89
C ILE A 82 -13.02 23.37 11.13
N ARG A 83 -13.15 22.28 11.86
CA ARG A 83 -14.43 21.85 12.37
C ARG A 83 -14.30 21.05 13.67
N THR A 84 -15.42 20.81 14.33
CA THR A 84 -15.45 20.14 15.63
C THR A 84 -16.26 18.91 15.47
N PHE A 85 -15.70 17.76 15.82
CA PHE A 85 -16.45 16.50 15.79
C PHE A 85 -16.82 16.17 17.26
N VAL A 86 -18.12 16.10 17.54
CA VAL A 86 -18.67 15.82 18.86
C VAL A 86 -19.00 14.33 18.95
N PRO A 87 -18.55 13.63 20.02
CA PRO A 87 -18.83 12.20 20.16
C PRO A 87 -20.30 11.86 20.03
N GLY A 88 -20.60 10.86 19.22
CA GLY A 88 -21.96 10.38 19.00
C GLY A 88 -22.36 9.22 19.90
N SER A 89 -23.16 8.32 19.37
CA SER A 89 -23.83 7.29 20.21
C SER A 89 -22.85 6.20 20.66
N GLN A 90 -21.83 5.91 19.84
CA GLN A 90 -20.81 4.92 20.15
C GLN A 90 -19.41 5.48 19.89
N PRO A 91 -18.40 4.96 20.62
CA PRO A 91 -17.01 5.28 20.31
C PRO A 91 -16.70 5.08 18.85
N GLY A 92 -16.10 6.09 18.23
CA GLY A 92 -15.77 6.07 16.83
C GLY A 92 -16.84 6.76 15.96
N GLU A 93 -17.96 7.21 16.54
CA GLU A 93 -18.94 8.02 15.82
C GLU A 93 -18.98 9.44 16.32
N PHE A 94 -19.26 10.38 15.40
CA PHE A 94 -19.24 11.81 15.70
C PHE A 94 -20.31 12.55 14.94
N THR A 95 -20.76 13.63 15.51
CA THR A 95 -21.57 14.60 14.81
C THR A 95 -20.77 15.88 14.70
N LEU A 96 -21.26 16.82 13.91
CA LEU A 96 -20.54 18.05 13.65
C LEU A 96 -21.01 19.05 14.66
N GLY A 97 -20.08 19.66 15.39
CA GLY A 97 -20.45 20.75 16.29
C GLY A 97 -20.88 22.00 15.55
N ASN A 98 -21.75 22.78 16.17
N ASN A 98 -21.75 22.78 16.18
CA ASN A 98 -22.20 24.10 15.69
CA ASN A 98 -22.20 24.10 15.69
C ASN A 98 -22.75 24.05 14.26
C ASN A 98 -22.74 24.05 14.26
N ILE A 99 -23.57 23.05 14.01
CA ILE A 99 -24.10 22.81 12.69
C ILE A 99 -24.89 24.00 12.09
N LYS A 100 -25.50 24.84 12.93
CA LYS A 100 -26.21 26.07 12.51
C LYS A 100 -25.31 27.11 11.80
N SER A 101 -24.01 27.08 12.06
CA SER A 101 -23.06 28.01 11.44
C SER A 101 -22.57 27.55 10.05
N TYR A 102 -23.06 26.42 9.55
CA TYR A 102 -22.75 25.93 8.20
C TYR A 102 -24.02 26.07 7.34
N PRO A 103 -24.05 27.07 6.42
CA PRO A 103 -25.32 27.34 5.70
C PRO A 103 -25.79 26.19 4.82
N GLY A 104 -27.06 25.84 4.89
CA GLY A 104 -27.59 24.70 4.12
C GLY A 104 -27.41 23.33 4.76
N LEU A 105 -26.60 23.24 5.81
CA LEU A 105 -26.32 21.96 6.44
C LEU A 105 -27.35 21.53 7.48
N THR A 106 -28.04 20.43 7.27
CA THR A 106 -29.00 19.94 8.25
C THR A 106 -28.55 18.69 8.98
N SER A 107 -27.50 18.03 8.52
CA SER A 107 -27.11 16.75 9.06
C SER A 107 -25.67 16.46 8.70
N TYR A 108 -24.87 15.91 9.60
CA TYR A 108 -23.48 15.57 9.36
C TYR A 108 -23.03 14.42 10.30
N LEU A 109 -22.57 13.30 9.74
CA LEU A 109 -22.26 12.11 10.52
C LEU A 109 -20.88 11.59 10.14
N VAL A 110 -20.10 11.19 11.16
CA VAL A 110 -18.78 10.61 10.96
C VAL A 110 -18.76 9.26 11.64
N ARG A 111 -18.25 8.28 10.92
CA ARG A 111 -18.00 6.97 11.48
C ARG A 111 -16.61 6.44 11.10
N VAL A 112 -15.79 6.18 12.10
CA VAL A 112 -14.50 5.51 11.88
C VAL A 112 -14.73 4.01 11.61
N VAL A 113 -14.44 3.61 10.37
CA VAL A 113 -14.71 2.26 9.91
C VAL A 113 -13.66 1.29 10.43
N SER A 114 -12.38 1.63 10.30
CA SER A 114 -11.27 0.77 10.71
C SER A 114 -10.03 1.60 10.89
N THR A 115 -9.15 1.21 11.81
CA THR A 115 -7.84 1.87 11.94
C THR A 115 -6.95 0.99 12.74
N ASN A 116 -5.64 1.05 12.51
CA ASN A 116 -4.66 0.52 13.42
C ASN A 116 -3.92 1.67 14.12
N TYR A 117 -4.42 2.90 14.00
CA TYR A 117 -3.89 4.10 14.74
C TYR A 117 -2.48 4.62 14.33
N ASN A 118 -1.55 3.73 14.04
CA ASN A 118 -0.19 4.14 13.73
C ASN A 118 0.20 4.08 12.25
N GLN A 119 -0.67 3.52 11.40
CA GLN A 119 -0.43 3.50 9.95
C GLN A 119 -1.63 3.95 9.11
N HIS A 120 -2.83 3.43 9.35
CA HIS A 120 -3.96 3.72 8.45
C HIS A 120 -5.33 3.78 9.13
N ALA A 121 -6.27 4.42 8.46
CA ALA A 121 -7.67 4.46 8.88
C ALA A 121 -8.58 4.64 7.68
N MET A 122 -9.83 4.16 7.81
CA MET A 122 -10.88 4.51 6.89
C MET A 122 -11.99 5.14 7.70
N VAL A 123 -12.48 6.29 7.21
CA VAL A 123 -13.54 7.06 7.85
C VAL A 123 -14.64 7.35 6.86
N PHE A 124 -15.88 7.04 7.28
CA PHE A 124 -17.07 7.33 6.52
C PHE A 124 -17.72 8.63 7.01
N PHE A 125 -18.10 9.48 6.02
CA PHE A 125 -18.83 10.73 6.27
C PHE A 125 -20.15 10.77 5.47
N LYS A 126 -21.17 11.30 6.10
CA LYS A 126 -22.44 11.55 5.45
C LYS A 126 -23.02 12.88 5.90
N LYS A 127 -23.46 13.68 4.95
CA LYS A 127 -24.12 14.92 5.26
C LYS A 127 -25.28 15.19 4.36
N VAL A 128 -26.21 15.97 4.87
CA VAL A 128 -27.30 16.51 4.09
C VAL A 128 -27.11 18.03 3.98
N SER A 129 -26.93 18.51 2.76
CA SER A 129 -26.63 19.90 2.49
C SER A 129 -27.50 20.38 1.33
N GLN A 130 -28.23 21.47 1.50
CA GLN A 130 -29.29 21.89 0.55
C GLN A 130 -30.31 20.77 0.25
N ASN A 131 -30.62 19.98 1.26
CA ASN A 131 -31.45 18.76 1.17
C ASN A 131 -30.90 17.63 0.25
N ARG A 132 -29.62 17.63 -0.10
CA ARG A 132 -29.02 16.60 -0.92
C ARG A 132 -28.11 15.77 -0.03
N GLU A 133 -28.19 14.46 -0.16
CA GLU A 133 -27.48 13.59 0.71
C GLU A 133 -26.13 13.19 0.11
N TYR A 134 -25.04 13.62 0.72
CA TYR A 134 -23.69 13.32 0.26
C TYR A 134 -23.03 12.34 1.21
N PHE A 135 -22.18 11.48 0.67
CA PHE A 135 -21.34 10.65 1.47
C PHE A 135 -19.95 10.51 0.88
N LYS A 136 -18.98 10.25 1.76
CA LYS A 136 -17.62 10.00 1.32
C LYS A 136 -16.89 9.07 2.26
N ILE A 137 -15.82 8.47 1.72
CA ILE A 137 -14.94 7.62 2.50
C ILE A 137 -13.56 8.15 2.28
N THR A 138 -12.86 8.38 3.38
CA THR A 138 -11.44 8.78 3.33
C THR A 138 -10.56 7.64 3.73
N LEU A 139 -9.49 7.43 2.98
CA LEU A 139 -8.46 6.47 3.39
C LEU A 139 -7.35 7.35 3.91
N TYR A 140 -7.08 7.23 5.19
CA TYR A 140 -6.03 8.00 5.86
C TYR A 140 -4.77 7.17 6.01
N GLY A 141 -3.58 7.77 5.81
CA GLY A 141 -2.29 7.21 6.18
C GLY A 141 -1.49 8.12 7.11
N ARG A 142 -0.73 7.54 8.02
CA ARG A 142 0.24 8.32 8.82
C ARG A 142 1.40 8.81 7.95
N THR A 143 1.69 8.09 6.86
CA THR A 143 2.58 8.55 5.81
C THR A 143 1.79 8.75 4.50
N LYS A 144 2.48 9.31 3.51
CA LYS A 144 1.86 9.64 2.23
C LYS A 144 1.66 8.45 1.31
N GLU A 145 2.30 7.32 1.64
CA GLU A 145 2.19 6.10 0.87
C GLU A 145 1.48 5.04 1.70
N LEU A 146 0.67 4.23 1.05
CA LEU A 146 0.22 2.98 1.67
C LEU A 146 0.31 1.86 0.66
N THR A 147 0.27 0.66 1.20
CA THR A 147 0.40 -0.56 0.41
C THR A 147 -0.74 -0.71 -0.60
N SER A 148 -0.44 -1.54 -1.61
CA SER A 148 -1.47 -2.06 -2.51
C SER A 148 -2.63 -2.73 -1.78
N GLU A 149 -2.32 -3.48 -0.72
CA GLU A 149 -3.34 -4.23 -0.01
C GLU A 149 -4.36 -3.30 0.62
N LEU A 150 -3.86 -2.23 1.22
CA LEU A 150 -4.72 -1.24 1.84
C LEU A 150 -5.53 -0.45 0.80
N LYS A 151 -4.90 -0.08 -0.33
CA LYS A 151 -5.63 0.58 -1.42
C LYS A 151 -6.78 -0.30 -1.94
N GLU A 152 -6.49 -1.58 -2.22
CA GLU A 152 -7.49 -2.53 -2.74
C GLU A 152 -8.60 -2.73 -1.75
N ASN A 153 -8.30 -2.79 -0.46
CA ASN A 153 -9.34 -2.90 0.58
C ASN A 153 -10.26 -1.68 0.52
N PHE A 154 -9.66 -0.51 0.35
CA PHE A 154 -10.44 0.74 0.25
C PHE A 154 -11.33 0.79 -0.98
N ILE A 155 -10.83 0.30 -2.10
CA ILE A 155 -11.61 0.23 -3.35
C ILE A 155 -12.79 -0.76 -3.21
N ARG A 156 -12.48 -1.97 -2.69
CA ARG A 156 -13.52 -2.98 -2.41
C ARG A 156 -14.63 -2.37 -1.49
N PHE A 157 -14.22 -1.74 -0.40
CA PHE A 157 -15.20 -1.15 0.49
C PHE A 157 -16.07 -0.05 -0.20
N SER A 158 -15.41 0.86 -0.92
CA SER A 158 -16.09 1.90 -1.67
C SER A 158 -17.11 1.34 -2.66
N LYS A 159 -16.72 0.29 -3.38
CA LYS A 159 -17.64 -0.39 -4.28
C LYS A 159 -18.80 -1.07 -3.53
N SER A 160 -18.56 -1.65 -2.36
CA SER A 160 -19.69 -2.21 -1.57
C SER A 160 -20.76 -1.16 -1.21
N LEU A 161 -20.38 0.12 -1.15
CA LEU A 161 -21.31 1.19 -0.88
C LEU A 161 -21.92 1.80 -2.16
N GLY A 162 -21.72 1.14 -3.30
CA GLY A 162 -22.33 1.56 -4.56
C GLY A 162 -21.50 2.54 -5.38
N LEU A 163 -20.24 2.79 -5.02
CA LEU A 163 -19.45 3.74 -5.81
C LEU A 163 -18.72 3.02 -6.96
N PRO A 164 -18.82 3.54 -8.19
CA PRO A 164 -18.02 2.99 -9.26
C PRO A 164 -16.59 3.58 -9.19
N GLU A 165 -15.70 2.99 -10.00
CA GLU A 165 -14.27 3.35 -10.03
C GLU A 165 -14.00 4.84 -10.24
N ASN A 166 -14.77 5.48 -11.10
CA ASN A 166 -14.51 6.90 -11.34
C ASN A 166 -14.97 7.83 -10.18
N HIS A 167 -15.57 7.28 -9.12
CA HIS A 167 -15.79 8.05 -7.89
C HIS A 167 -14.76 7.75 -6.79
N ILE A 168 -13.63 7.14 -7.16
CA ILE A 168 -12.63 6.71 -6.22
C ILE A 168 -11.35 7.33 -6.73
N VAL A 169 -10.72 8.16 -5.90
CA VAL A 169 -9.46 8.85 -6.29
C VAL A 169 -8.35 8.66 -5.26
N PHE A 170 -7.12 8.70 -5.75
CA PHE A 170 -5.91 8.57 -4.93
C PHE A 170 -5.14 9.86 -5.13
N PRO A 171 -5.34 10.85 -4.26
CA PRO A 171 -4.62 12.14 -4.39
C PRO A 171 -3.11 11.97 -4.52
N VAL A 172 -2.49 12.79 -5.35
CA VAL A 172 -1.07 12.71 -5.65
C VAL A 172 -0.33 13.35 -4.45
N PRO A 173 0.69 12.67 -3.88
CA PRO A 173 1.54 13.24 -2.83
C PRO A 173 2.19 14.55 -3.25
N ILE A 174 2.15 15.55 -2.37
CA ILE A 174 2.91 16.81 -2.53
C ILE A 174 3.65 17.11 -1.24
N ASP A 175 4.52 18.11 -1.28
CA ASP A 175 5.25 18.59 -0.09
C ASP A 175 4.78 19.91 0.51
N GLN A 176 4.10 20.75 -0.26
CA GLN A 176 3.62 22.02 0.24
C GLN A 176 2.53 21.85 1.30
N CYS A 177 2.62 22.64 2.35
CA CYS A 177 1.61 22.80 3.40
C CYS A 177 1.47 21.62 4.33
N ILE A 178 1.55 20.39 3.82
CA ILE A 178 1.13 19.20 4.57
C ILE A 178 2.27 18.51 5.33
N ASP A 179 3.51 18.91 5.11
CA ASP A 179 4.67 18.54 5.96
C ASP A 179 4.63 19.65 7.04
N SER B 7 -15.64 4.37 -36.90
CA SER B 7 -15.86 4.50 -35.40
C SER B 7 -14.53 4.55 -34.59
N ASP B 8 -14.42 5.50 -33.67
CA ASP B 8 -13.19 5.83 -32.95
C ASP B 8 -12.85 4.72 -31.97
N LEU B 9 -11.58 4.39 -31.81
CA LEU B 9 -11.17 3.33 -30.90
C LEU B 9 -10.20 3.84 -29.85
N ILE B 10 -10.31 3.30 -28.63
CA ILE B 10 -9.32 3.51 -27.59
C ILE B 10 -8.03 2.88 -28.10
N PRO B 11 -6.89 3.60 -28.10
CA PRO B 11 -5.69 3.07 -28.79
C PRO B 11 -5.14 1.89 -28.04
N ALA B 12 -4.50 0.97 -28.76
CA ALA B 12 -3.82 -0.15 -28.11
C ALA B 12 -2.71 0.38 -27.23
N PRO B 13 -2.45 -0.22 -26.07
CA PRO B 13 -1.38 0.30 -25.22
C PRO B 13 -0.02 -0.12 -25.78
N PRO B 14 1.05 0.64 -25.49
CA PRO B 14 2.39 0.08 -25.78
C PRO B 14 2.65 -1.22 -24.99
N LEU B 15 3.40 -2.12 -25.60
CA LEU B 15 3.64 -3.45 -25.03
C LEU B 15 4.38 -3.41 -23.68
N SER B 16 5.11 -2.33 -23.45
CA SER B 16 5.69 -2.04 -22.14
C SER B 16 4.66 -1.91 -21.01
N LYS B 17 3.39 -1.63 -21.28
CA LYS B 17 2.38 -1.69 -20.21
C LYS B 17 1.80 -3.09 -19.97
N VAL B 18 2.21 -4.09 -20.78
CA VAL B 18 1.60 -5.43 -20.79
C VAL B 18 2.67 -6.44 -20.32
N PRO B 19 2.62 -6.83 -19.04
CA PRO B 19 3.58 -7.81 -18.51
C PRO B 19 3.47 -9.16 -19.21
N LEU B 20 4.56 -9.91 -19.17
CA LEU B 20 4.61 -11.26 -19.67
C LEU B 20 4.83 -12.18 -18.47
N GLN B 21 4.06 -13.26 -18.36
CA GLN B 21 4.27 -14.25 -17.32
C GLN B 21 5.72 -14.72 -17.36
N GLN B 22 6.40 -14.57 -16.22
CA GLN B 22 7.77 -15.04 -16.05
C GLN B 22 7.81 -16.57 -16.17
N ASN B 23 8.82 -17.11 -16.86
CA ASN B 23 9.05 -18.57 -16.96
C ASN B 23 7.77 -19.36 -17.30
N PHE B 24 7.10 -18.90 -18.35
CA PHE B 24 5.84 -19.46 -18.77
C PHE B 24 6.00 -20.96 -19.04
N GLN B 25 5.06 -21.77 -18.56
CA GLN B 25 5.08 -23.23 -18.70
C GLN B 25 3.99 -23.72 -19.66
N ASP B 26 4.38 -24.04 -20.89
CA ASP B 26 3.43 -24.29 -21.98
C ASP B 26 2.54 -25.53 -21.73
N ASN B 27 3.15 -26.55 -21.18
CA ASN B 27 2.46 -27.78 -20.82
C ASN B 27 1.45 -27.56 -19.70
N GLN B 28 1.74 -26.69 -18.72
CA GLN B 28 0.80 -26.44 -17.61
C GLN B 28 -0.37 -25.52 -18.05
N PHE B 29 -0.18 -24.74 -19.10
CA PHE B 29 -1.22 -23.83 -19.55
C PHE B 29 -2.27 -24.51 -20.39
N GLN B 30 -2.01 -25.73 -20.87
CA GLN B 30 -2.97 -26.38 -21.76
C GLN B 30 -4.26 -26.86 -21.04
N GLY B 31 -5.26 -27.25 -21.82
CA GLY B 31 -6.56 -27.66 -21.31
C GLY B 31 -7.62 -26.57 -21.45
N LYS B 32 -8.72 -26.76 -20.74
CA LYS B 32 -9.89 -25.92 -20.90
C LYS B 32 -9.79 -24.75 -19.93
N TRP B 33 -10.09 -23.57 -20.48
CA TRP B 33 -10.30 -22.38 -19.69
C TRP B 33 -11.64 -21.76 -20.04
N TYR B 34 -12.34 -21.31 -19.01
CA TYR B 34 -13.59 -20.56 -19.18
C TYR B 34 -13.27 -19.08 -19.23
N VAL B 35 -14.00 -18.36 -20.07
CA VAL B 35 -13.81 -16.91 -20.13
C VAL B 35 -14.71 -16.26 -19.10
N VAL B 36 -14.12 -15.92 -17.96
CA VAL B 36 -14.90 -15.34 -16.87
C VAL B 36 -14.92 -13.81 -16.93
N GLY B 37 -13.96 -13.23 -17.64
CA GLY B 37 -13.93 -11.80 -17.87
C GLY B 37 -13.36 -11.47 -19.21
N LEU B 38 -13.82 -10.38 -19.80
CA LEU B 38 -13.42 -9.99 -21.11
C LEU B 38 -13.42 -8.47 -21.16
N ALA B 39 -12.34 -7.89 -21.64
CA ALA B 39 -12.26 -6.43 -21.79
C ALA B 39 -11.49 -6.06 -23.06
N GLY B 40 -11.86 -4.94 -23.68
CA GLY B 40 -11.24 -4.56 -24.92
C GLY B 40 -11.80 -3.31 -25.51
N ASN B 41 -11.12 -2.80 -26.53
CA ASN B 41 -11.53 -1.53 -27.12
C ASN B 41 -12.69 -1.67 -28.07
N ALA B 42 -13.07 -2.90 -28.42
CA ALA B 42 -14.33 -3.14 -29.11
C ALA B 42 -15.28 -4.03 -28.29
N ILE B 43 -15.02 -4.21 -27.00
CA ILE B 43 -15.94 -4.91 -26.11
C ILE B 43 -16.79 -3.84 -25.44
N LEU B 44 -18.11 -4.02 -25.47
CA LEU B 44 -19.07 -3.12 -24.88
C LEU B 44 -20.05 -3.88 -23.96
N ARG B 45 -20.29 -3.35 -22.77
CA ARG B 45 -21.17 -4.03 -21.80
C ARG B 45 -22.60 -4.15 -22.31
N PRO B 50 -26.99 -10.03 -22.39
CA PRO B 50 -25.67 -10.16 -21.75
C PRO B 50 -24.83 -11.28 -22.35
N GLN B 51 -23.58 -10.99 -22.69
CA GLN B 51 -22.60 -11.99 -23.19
C GLN B 51 -22.64 -13.30 -22.35
N LYS B 52 -22.86 -14.43 -23.02
CA LYS B 52 -22.77 -15.75 -22.36
C LYS B 52 -21.33 -16.21 -22.32
N MET B 53 -20.99 -16.91 -21.24
CA MET B 53 -19.68 -17.52 -21.13
C MET B 53 -19.42 -18.51 -22.28
N TYR B 54 -18.20 -18.50 -22.74
CA TYR B 54 -17.70 -19.48 -23.66
C TYR B 54 -16.41 -20.05 -23.08
N ALA B 55 -15.89 -21.09 -23.72
CA ALA B 55 -14.67 -21.74 -23.26
C ALA B 55 -13.67 -21.82 -24.39
N THR B 56 -12.38 -21.93 -24.01
CA THR B 56 -11.31 -22.06 -24.98
C THR B 56 -10.38 -23.17 -24.55
N ILE B 57 -10.11 -24.12 -25.46
CA ILE B 57 -9.29 -25.28 -25.14
C ILE B 57 -7.96 -25.15 -25.85
N TYR B 58 -6.89 -25.21 -25.06
CA TYR B 58 -5.53 -25.07 -25.59
C TYR B 58 -4.90 -26.44 -25.61
N GLU B 59 -4.55 -26.95 -26.79
CA GLU B 59 -3.89 -28.25 -26.89
C GLU B 59 -2.53 -28.06 -27.47
N LEU B 60 -1.52 -28.53 -26.72
CA LEU B 60 -0.14 -28.38 -27.11
C LEU B 60 0.18 -29.45 -28.12
N LYS B 61 0.49 -29.04 -29.36
CA LYS B 61 0.83 -30.00 -30.41
C LYS B 61 2.29 -30.44 -30.26
N GLU B 62 2.65 -31.48 -31.00
CA GLU B 62 4.02 -32.04 -30.99
C GLU B 62 5.08 -30.96 -31.30
N ASP B 63 4.78 -30.06 -32.26
CA ASP B 63 5.69 -28.98 -32.63
C ASP B 63 5.67 -27.73 -31.72
N LYS B 64 4.99 -27.81 -30.58
CA LYS B 64 4.94 -26.76 -29.54
C LYS B 64 4.04 -25.56 -29.83
N SER B 65 3.32 -25.58 -30.95
CA SER B 65 2.25 -24.60 -31.16
C SER B 65 0.99 -25.13 -30.45
N TYR B 66 0.05 -24.24 -30.16
CA TYR B 66 -1.24 -24.66 -29.65
C TYR B 66 -2.29 -24.72 -30.75
N ASN B 67 -3.09 -25.80 -30.75
CA ASN B 67 -4.41 -25.79 -31.38
C ASN B 67 -5.41 -25.27 -30.39
N VAL B 68 -6.09 -24.19 -30.77
CA VAL B 68 -6.93 -23.46 -29.84
C VAL B 68 -8.36 -23.53 -30.37
N THR B 69 -9.23 -24.15 -29.58
CA THR B 69 -10.64 -24.29 -29.93
C THR B 69 -11.51 -23.57 -28.91
N SER B 70 -12.35 -22.71 -29.44
CA SER B 70 -13.34 -22.00 -28.66
C SER B 70 -14.71 -22.55 -28.96
N VAL B 71 -15.54 -22.62 -27.92
CA VAL B 71 -16.85 -23.24 -28.00
C VAL B 71 -17.79 -22.20 -27.42
N LEU B 72 -18.83 -21.84 -28.18
CA LEU B 72 -19.80 -20.85 -27.78
C LEU B 72 -21.21 -21.39 -28.09
N PHE B 73 -22.15 -21.17 -27.18
CA PHE B 73 -23.54 -21.52 -27.41
C PHE B 73 -24.23 -20.33 -28.06
N ARG B 74 -24.79 -20.56 -29.25
CA ARG B 74 -25.35 -19.50 -30.09
C ARG B 74 -26.42 -20.06 -31.06
N LYS B 75 -27.60 -19.44 -31.06
CA LYS B 75 -28.76 -19.88 -31.88
C LYS B 75 -29.12 -21.36 -31.68
N LYS B 76 -29.06 -21.81 -30.43
CA LYS B 76 -29.45 -23.15 -30.00
C LYS B 76 -28.40 -24.25 -30.33
N LYS B 77 -27.22 -23.83 -30.78
CA LYS B 77 -26.18 -24.72 -31.26
C LYS B 77 -24.83 -24.38 -30.67
N CYS B 78 -23.92 -25.35 -30.74
CA CYS B 78 -22.54 -25.15 -30.37
C CYS B 78 -21.73 -24.70 -31.59
N ASP B 79 -21.08 -23.56 -31.47
CA ASP B 79 -20.24 -23.00 -32.54
C ASP B 79 -18.80 -23.15 -32.14
N TYR B 80 -17.98 -23.64 -33.06
CA TYR B 80 -16.59 -23.90 -32.82
C TYR B 80 -15.70 -22.99 -33.68
N TRP B 81 -14.70 -22.35 -33.06
CA TRP B 81 -13.73 -21.50 -33.75
C TRP B 81 -12.36 -22.12 -33.47
N ILE B 82 -11.61 -22.42 -34.52
CA ILE B 82 -10.31 -23.07 -34.40
C ILE B 82 -9.22 -22.13 -34.88
N ARG B 83 -8.12 -22.06 -34.16
CA ARG B 83 -6.94 -21.34 -34.65
C ARG B 83 -5.67 -21.91 -34.02
N THR B 84 -4.53 -21.51 -34.57
CA THR B 84 -3.23 -22.06 -34.18
C THR B 84 -2.41 -20.91 -33.65
N PHE B 85 -1.92 -21.04 -32.43
CA PHE B 85 -1.03 -20.04 -31.86
C PHE B 85 0.41 -20.62 -31.95
N VAL B 86 1.27 -19.92 -32.70
CA VAL B 86 2.65 -20.29 -32.94
C VAL B 86 3.54 -19.53 -31.94
N PRO B 87 4.46 -20.26 -31.23
CA PRO B 87 5.34 -19.59 -30.24
C PRO B 87 6.10 -18.43 -30.82
N GLY B 88 6.07 -17.30 -30.11
CA GLY B 88 6.73 -16.06 -30.57
C GLY B 88 8.13 -15.87 -30.01
N SER B 89 8.52 -14.61 -29.77
CA SER B 89 9.92 -14.30 -29.43
C SER B 89 10.31 -14.76 -28.03
N GLN B 90 9.35 -14.79 -27.10
CA GLN B 90 9.58 -15.26 -25.73
C GLN B 90 8.48 -16.24 -25.32
N PRO B 91 8.81 -17.18 -24.41
CA PRO B 91 7.80 -18.03 -23.81
C PRO B 91 6.63 -17.23 -23.28
N GLY B 92 5.43 -17.63 -23.67
CA GLY B 92 4.20 -16.95 -23.28
C GLY B 92 3.70 -15.98 -24.33
N GLU B 93 4.46 -15.76 -25.41
CA GLU B 93 3.99 -14.99 -26.56
C GLU B 93 3.73 -15.89 -27.76
N PHE B 94 2.73 -15.50 -28.56
CA PHE B 94 2.32 -16.27 -29.73
C PHE B 94 1.90 -15.40 -30.87
N THR B 95 2.07 -15.90 -32.08
CA THR B 95 1.49 -15.30 -33.24
C THR B 95 0.45 -16.27 -33.77
N LEU B 96 -0.37 -15.82 -34.70
CA LEU B 96 -1.43 -16.61 -35.28
C LEU B 96 -0.87 -17.32 -36.46
N GLY B 97 -1.00 -18.65 -36.51
CA GLY B 97 -0.62 -19.40 -37.69
C GLY B 97 -1.59 -19.16 -38.84
N ASN B 98 -1.06 -19.26 -40.06
CA ASN B 98 -1.81 -19.13 -41.30
C ASN B 98 -2.63 -17.84 -41.38
N ILE B 99 -1.99 -16.74 -41.01
CA ILE B 99 -2.64 -15.45 -40.97
C ILE B 99 -3.21 -14.99 -42.33
N LYS B 100 -2.63 -15.44 -43.44
CA LYS B 100 -3.12 -15.16 -44.80
C LYS B 100 -4.52 -15.71 -45.10
N SER B 101 -4.96 -16.74 -44.37
CA SER B 101 -6.30 -17.30 -44.54
C SER B 101 -7.40 -16.56 -43.77
N TYR B 102 -7.05 -15.48 -43.06
CA TYR B 102 -8.01 -14.63 -42.37
C TYR B 102 -8.14 -13.29 -43.12
N PRO B 103 -9.27 -13.07 -43.81
CA PRO B 103 -9.43 -11.85 -44.63
C PRO B 103 -9.34 -10.55 -43.82
N GLY B 104 -8.57 -9.59 -44.29
CA GLY B 104 -8.38 -8.34 -43.59
C GLY B 104 -7.38 -8.35 -42.45
N LEU B 105 -6.88 -9.51 -42.05
CA LEU B 105 -6.03 -9.63 -40.87
C LEU B 105 -4.55 -9.44 -41.23
N THR B 106 -3.90 -8.40 -40.71
CA THR B 106 -2.49 -8.18 -41.03
C THR B 106 -1.57 -8.46 -39.83
N SER B 107 -2.12 -8.61 -38.63
CA SER B 107 -1.29 -8.75 -37.45
C SER B 107 -2.12 -9.37 -36.35
N TYR B 108 -1.53 -10.28 -35.57
CA TYR B 108 -2.22 -10.91 -34.46
C TYR B 108 -1.19 -11.34 -33.41
N LEU B 109 -1.34 -10.85 -32.18
CA LEU B 109 -0.34 -11.10 -31.13
C LEU B 109 -1.05 -11.56 -29.88
N VAL B 110 -0.46 -12.57 -29.22
CA VAL B 110 -0.96 -13.07 -27.94
C VAL B 110 0.16 -12.97 -26.93
N ARG B 111 -0.18 -12.44 -25.77
CA ARG B 111 0.74 -12.44 -24.64
C ARG B 111 0.04 -12.89 -23.36
N VAL B 112 0.53 -13.98 -22.76
CA VAL B 112 0.05 -14.40 -21.44
C VAL B 112 0.63 -13.47 -20.36
N VAL B 113 -0.25 -12.72 -19.72
CA VAL B 113 0.15 -11.71 -18.76
C VAL B 113 0.52 -12.35 -17.43
N SER B 114 -0.34 -13.22 -16.92
CA SER B 114 -0.16 -13.86 -15.62
C SER B 114 -1.00 -15.11 -15.55
N THR B 115 -0.53 -16.12 -14.85
CA THR B 115 -1.35 -17.32 -14.61
C THR B 115 -0.75 -18.06 -13.45
N ASN B 116 -1.58 -18.79 -12.71
CA ASN B 116 -1.08 -19.81 -11.80
C ASN B 116 -1.38 -21.20 -12.34
N TYR B 117 -1.80 -21.30 -13.62
CA TYR B 117 -1.99 -22.61 -14.33
C TYR B 117 -3.20 -23.47 -13.89
N ASN B 118 -3.44 -23.57 -12.59
CA ASN B 118 -4.50 -24.45 -12.10
C ASN B 118 -5.78 -23.74 -11.64
N GLN B 119 -5.79 -22.40 -11.60
CA GLN B 119 -7.03 -21.64 -11.31
C GLN B 119 -7.32 -20.50 -12.29
N HIS B 120 -6.34 -19.64 -12.59
CA HIS B 120 -6.64 -18.46 -13.39
C HIS B 120 -5.52 -18.00 -14.33
N ALA B 121 -5.88 -17.20 -15.32
CA ALA B 121 -4.93 -16.55 -16.22
C ALA B 121 -5.52 -15.26 -16.75
N MET B 122 -4.62 -14.32 -17.09
CA MET B 122 -4.98 -13.17 -17.90
C MET B 122 -4.13 -13.21 -19.15
N VAL B 123 -4.79 -13.05 -20.28
CA VAL B 123 -4.16 -13.08 -21.61
C VAL B 123 -4.52 -11.84 -22.40
N PHE B 124 -3.48 -11.17 -22.93
CA PHE B 124 -3.65 -10.00 -23.78
C PHE B 124 -3.58 -10.43 -25.27
N PHE B 125 -4.52 -9.89 -26.05
CA PHE B 125 -4.57 -10.05 -27.51
C PHE B 125 -4.56 -8.71 -28.21
N LYS B 126 -3.83 -8.65 -29.32
CA LYS B 126 -3.82 -7.44 -30.14
C LYS B 126 -3.78 -7.85 -31.60
N LYS B 127 -4.67 -7.27 -32.38
CA LYS B 127 -4.70 -7.56 -33.79
C LYS B 127 -5.00 -6.33 -34.59
N VAL B 128 -4.53 -6.36 -35.82
CA VAL B 128 -4.88 -5.35 -36.81
C VAL B 128 -5.75 -6.00 -37.88
N SER B 129 -6.98 -5.52 -38.00
CA SER B 129 -7.98 -6.08 -38.90
C SER B 129 -8.64 -4.94 -39.67
N GLN B 130 -8.66 -5.01 -40.99
CA GLN B 130 -9.01 -3.86 -41.87
C GLN B 130 -8.19 -2.60 -41.54
N ASN B 131 -6.93 -2.77 -41.13
CA ASN B 131 -6.07 -1.69 -40.63
C ASN B 131 -6.55 -0.95 -39.36
N ARG B 132 -7.42 -1.55 -38.58
CA ARG B 132 -7.88 -0.99 -37.31
C ARG B 132 -7.27 -1.84 -36.21
N GLU B 133 -6.72 -1.19 -35.18
CA GLU B 133 -5.99 -1.91 -34.18
C GLU B 133 -6.90 -2.24 -33.00
N TYR B 134 -7.18 -3.52 -32.79
CA TYR B 134 -8.01 -3.98 -31.69
C TYR B 134 -7.16 -4.65 -30.64
N PHE B 135 -7.56 -4.52 -29.39
CA PHE B 135 -6.96 -5.29 -28.33
C PHE B 135 -8.01 -5.77 -27.35
N LYS B 136 -7.70 -6.86 -26.70
CA LYS B 136 -8.55 -7.38 -25.64
C LYS B 136 -7.76 -8.12 -24.58
N ILE B 137 -8.37 -8.23 -23.41
CA ILE B 137 -7.80 -8.97 -22.30
C ILE B 137 -8.86 -9.95 -21.86
N THR B 138 -8.49 -11.22 -21.77
CA THR B 138 -9.37 -12.26 -21.25
C THR B 138 -8.94 -12.66 -19.86
N LEU B 139 -9.91 -12.81 -18.96
CA LEU B 139 -9.66 -13.36 -17.66
C LEU B 139 -10.18 -14.79 -17.77
N TYR B 140 -9.26 -15.74 -17.67
CA TYR B 140 -9.59 -17.15 -17.77
C TYR B 140 -9.69 -17.77 -16.38
N GLY B 141 -10.65 -18.68 -16.17
CA GLY B 141 -10.72 -19.56 -15.01
C GLY B 141 -10.75 -21.04 -15.39
N ARG B 142 -10.16 -21.88 -14.56
CA ARG B 142 -10.35 -23.33 -14.72
C ARG B 142 -11.77 -23.77 -14.37
N THR B 143 -12.44 -23.00 -13.52
CA THR B 143 -13.87 -23.13 -13.28
C THR B 143 -14.60 -21.86 -13.75
N LYS B 144 -15.93 -21.94 -13.71
CA LYS B 144 -16.76 -20.85 -14.16
C LYS B 144 -16.88 -19.66 -13.22
N GLU B 145 -16.39 -19.81 -11.99
CA GLU B 145 -16.39 -18.72 -11.02
C GLU B 145 -14.94 -18.31 -10.70
N LEU B 146 -14.73 -17.04 -10.44
CA LEU B 146 -13.51 -16.63 -9.73
C LEU B 146 -13.84 -15.61 -8.66
N THR B 147 -12.88 -15.44 -7.78
CA THR B 147 -13.01 -14.56 -6.63
C THR B 147 -13.20 -13.09 -7.06
N SER B 148 -13.74 -12.32 -6.12
CA SER B 148 -13.72 -10.86 -6.15
C SER B 148 -12.33 -10.29 -6.34
N GLU B 149 -11.34 -10.88 -5.67
CA GLU B 149 -9.97 -10.36 -5.69
C GLU B 149 -9.41 -10.44 -7.10
N LEU B 150 -9.65 -11.57 -7.75
CA LEU B 150 -9.19 -11.75 -9.12
C LEU B 150 -9.95 -10.86 -10.10
N LYS B 151 -11.27 -10.71 -9.94
CA LYS B 151 -12.04 -9.78 -10.76
C LYS B 151 -11.51 -8.34 -10.65
N GLU B 152 -11.31 -7.85 -9.43
CA GLU B 152 -10.82 -6.49 -9.18
C GLU B 152 -9.44 -6.30 -9.78
N ASN B 153 -8.58 -7.32 -9.68
CA ASN B 153 -7.24 -7.26 -10.28
C ASN B 153 -7.37 -7.09 -11.80
N PHE B 154 -8.29 -7.84 -12.40
CA PHE B 154 -8.53 -7.78 -13.84
C PHE B 154 -9.07 -6.42 -14.28
N ILE B 155 -9.96 -5.84 -13.49
CA ILE B 155 -10.50 -4.49 -13.78
C ILE B 155 -9.39 -3.42 -13.66
N ARG B 156 -8.63 -3.47 -12.58
CA ARG B 156 -7.45 -2.57 -12.39
C ARG B 156 -6.47 -2.69 -13.55
N PHE B 157 -6.13 -3.90 -13.96
CA PHE B 157 -5.21 -4.08 -15.09
C PHE B 157 -5.81 -3.50 -16.40
N SER B 158 -7.08 -3.83 -16.69
CA SER B 158 -7.77 -3.27 -17.85
C SER B 158 -7.77 -1.76 -17.86
N LYS B 159 -8.03 -1.14 -16.72
CA LYS B 159 -7.96 0.32 -16.59
C LYS B 159 -6.55 0.86 -16.81
N SER B 160 -5.52 0.16 -16.32
CA SER B 160 -4.13 0.62 -16.61
C SER B 160 -3.82 0.68 -18.13
N LEU B 161 -4.51 -0.11 -18.94
CA LEU B 161 -4.37 -0.06 -20.39
C LEU B 161 -5.34 0.90 -21.08
N GLY B 162 -6.00 1.76 -20.31
CA GLY B 162 -6.91 2.75 -20.88
C GLY B 162 -8.37 2.33 -21.03
N LEU B 163 -8.77 1.16 -20.57
CA LEU B 163 -10.18 0.75 -20.73
C LEU B 163 -11.05 1.21 -19.54
N PRO B 164 -12.18 1.88 -19.81
CA PRO B 164 -13.10 2.19 -18.73
C PRO B 164 -13.97 0.97 -18.41
N GLU B 165 -14.70 1.06 -17.29
CA GLU B 165 -15.64 0.04 -16.79
C GLU B 165 -16.60 -0.51 -17.84
N ASN B 166 -17.15 0.35 -18.70
CA ASN B 166 -18.10 -0.16 -19.68
C ASN B 166 -17.45 -0.94 -20.84
N HIS B 167 -16.12 -1.02 -20.88
CA HIS B 167 -15.45 -1.96 -21.82
C HIS B 167 -15.00 -3.27 -21.15
N ILE B 168 -15.57 -3.58 -19.99
CA ILE B 168 -15.20 -4.73 -19.21
C ILE B 168 -16.50 -5.48 -18.98
N VAL B 169 -16.54 -6.74 -19.40
CA VAL B 169 -17.72 -7.62 -19.22
C VAL B 169 -17.39 -8.92 -18.49
N PHE B 170 -18.35 -9.43 -17.71
CA PHE B 170 -18.22 -10.69 -16.99
C PHE B 170 -19.30 -11.63 -17.51
N PRO B 171 -18.99 -12.45 -18.52
CA PRO B 171 -19.99 -13.38 -19.10
C PRO B 171 -20.71 -14.25 -18.07
N VAL B 172 -21.99 -14.46 -18.25
CA VAL B 172 -22.82 -15.24 -17.33
C VAL B 172 -22.54 -16.73 -17.56
N PRO B 173 -22.23 -17.50 -16.49
CA PRO B 173 -22.06 -18.97 -16.61
C PRO B 173 -23.27 -19.65 -17.23
N ILE B 174 -23.02 -20.57 -18.17
CA ILE B 174 -24.05 -21.48 -18.72
C ILE B 174 -23.53 -22.92 -18.69
N ASP B 175 -24.40 -23.88 -19.00
CA ASP B 175 -24.03 -25.29 -19.11
C ASP B 175 -23.98 -25.86 -20.52
N GLN B 176 -24.70 -25.27 -21.48
CA GLN B 176 -24.68 -25.78 -22.86
C GLN B 176 -23.29 -25.59 -23.51
N CYS B 177 -22.85 -26.63 -24.22
CA CYS B 177 -21.64 -26.63 -25.05
C CYS B 177 -20.32 -26.63 -24.30
N ILE B 178 -20.24 -25.90 -23.20
CA ILE B 178 -18.95 -25.61 -22.57
C ILE B 178 -18.51 -26.60 -21.47
N ASP B 179 -19.37 -27.53 -21.08
CA ASP B 179 -19.01 -28.56 -20.07
C ASP B 179 -18.17 -29.77 -20.50
N THR C 6 42.80 5.31 19.57
CA THR C 6 43.76 5.84 18.56
C THR C 6 43.38 5.45 17.12
N SER C 7 42.63 4.36 16.92
CA SER C 7 42.48 3.74 15.62
C SER C 7 41.66 4.55 14.58
N ASP C 8 41.89 4.19 13.32
CA ASP C 8 41.20 4.73 12.15
C ASP C 8 39.76 4.29 12.13
N LEU C 9 38.85 5.17 11.72
CA LEU C 9 37.45 4.90 11.70
C LEU C 9 36.85 5.04 10.30
N ILE C 10 35.88 4.20 9.99
CA ILE C 10 35.05 4.37 8.82
C ILE C 10 34.25 5.67 9.07
N PRO C 11 34.25 6.62 8.11
CA PRO C 11 33.67 7.94 8.40
C PRO C 11 32.19 7.85 8.54
N ALA C 12 31.59 8.73 9.34
CA ALA C 12 30.15 8.83 9.43
C ALA C 12 29.58 9.23 8.07
N PRO C 13 28.39 8.69 7.70
CA PRO C 13 27.84 9.04 6.37
C PRO C 13 27.25 10.44 6.41
N PRO C 14 27.14 11.13 5.25
CA PRO C 14 26.33 12.37 5.28
C PRO C 14 24.86 12.08 5.63
N LEU C 15 24.22 13.01 6.35
CA LEU C 15 22.86 12.79 6.86
C LEU C 15 21.83 12.61 5.73
N SER C 16 22.16 13.11 4.55
CA SER C 16 21.38 12.83 3.35
C SER C 16 21.29 11.35 2.99
N LYS C 17 22.19 10.48 3.45
CA LYS C 17 22.01 9.05 3.25
C LYS C 17 21.15 8.38 4.32
N VAL C 18 20.70 9.11 5.33
CA VAL C 18 20.01 8.59 6.53
C VAL C 18 18.57 9.13 6.52
N PRO C 19 17.60 8.32 6.04
CA PRO C 19 16.21 8.77 6.00
C PRO C 19 15.66 9.04 7.42
N LEU C 20 14.62 9.86 7.50
CA LEU C 20 13.89 10.09 8.70
C LEU C 20 12.49 9.50 8.53
N GLN C 21 11.99 8.74 9.52
CA GLN C 21 10.62 8.27 9.47
C GLN C 21 9.67 9.45 9.30
N GLN C 22 8.84 9.38 8.27
CA GLN C 22 7.83 10.38 7.97
C GLN C 22 6.78 10.41 9.07
N ASN C 23 6.37 11.62 9.49
CA ASN C 23 5.28 11.81 10.50
C ASN C 23 5.44 10.86 11.72
N PHE C 24 6.63 10.89 12.29
CA PHE C 24 6.99 10.06 13.39
C PHE C 24 6.01 10.26 14.51
N GLN C 25 5.56 9.14 15.12
CA GLN C 25 4.56 9.16 16.20
C GLN C 25 5.20 8.71 17.52
N ASP C 26 5.46 9.69 18.38
CA ASP C 26 6.27 9.45 19.59
C ASP C 26 5.60 8.51 20.60
N ASN C 27 4.29 8.65 20.73
CA ASN C 27 3.49 7.80 21.59
C ASN C 27 3.48 6.34 21.10
N GLN C 28 3.49 6.09 19.77
CA GLN C 28 3.46 4.72 19.24
C GLN C 28 4.85 4.05 19.33
N PHE C 29 5.91 4.85 19.39
CA PHE C 29 7.26 4.31 19.44
C PHE C 29 7.67 3.88 20.81
N GLN C 30 6.92 4.28 21.86
CA GLN C 30 7.37 3.94 23.21
C GLN C 30 7.22 2.45 23.56
N GLY C 31 7.81 2.06 24.70
CA GLY C 31 7.81 0.65 25.16
C GLY C 31 9.15 -0.04 24.90
N LYS C 32 9.12 -1.35 24.98
CA LYS C 32 10.32 -2.17 24.93
C LYS C 32 10.61 -2.55 23.49
N TRP C 33 11.87 -2.39 23.13
CA TRP C 33 12.45 -2.90 21.89
C TRP C 33 13.67 -3.74 22.16
N TYR C 34 13.75 -4.87 21.48
CA TYR C 34 14.93 -5.74 21.54
C TYR C 34 15.88 -5.35 20.42
N VAL C 35 17.16 -5.38 20.69
CA VAL C 35 18.15 -5.08 19.67
C VAL C 35 18.50 -6.37 18.92
N VAL C 36 17.87 -6.53 17.77
CA VAL C 36 18.05 -7.74 16.96
C VAL C 36 19.14 -7.61 15.94
N GLY C 37 19.52 -6.37 15.61
CA GLY C 37 20.68 -6.12 14.75
C GLY C 37 21.41 -4.86 15.18
N LEU C 38 22.70 -4.82 15.01
CA LEU C 38 23.53 -3.73 15.42
C LEU C 38 24.65 -3.58 14.42
N ALA C 39 24.86 -2.38 13.90
CA ALA C 39 25.99 -2.10 13.02
C ALA C 39 26.57 -0.71 13.29
N GLY C 40 27.88 -0.57 13.08
CA GLY C 40 28.52 0.70 13.35
C GLY C 40 30.00 0.67 13.13
N ASN C 41 30.64 1.85 13.16
CA ASN C 41 32.02 1.94 12.86
C ASN C 41 32.90 1.54 14.01
N ALA C 42 32.35 1.38 15.20
CA ALA C 42 33.08 0.75 16.30
C ALA C 42 32.41 -0.58 16.76
N ILE C 43 31.51 -1.13 15.96
CA ILE C 43 30.90 -2.43 16.24
C ILE C 43 31.71 -3.45 15.44
N LEU C 44 32.15 -4.52 16.10
CA LEU C 44 32.99 -5.54 15.46
C LEU C 44 32.45 -6.92 15.78
N ARG C 45 32.25 -7.76 14.76
CA ARG C 45 31.83 -9.15 14.96
C ARG C 45 32.89 -9.92 15.77
N GLU C 46 32.45 -10.74 16.72
CA GLU C 46 33.36 -11.62 17.52
C GLU C 46 32.78 -13.03 17.64
N ASP C 47 33.40 -14.01 16.99
CA ASP C 47 32.99 -15.42 17.11
C ASP C 47 33.32 -15.97 18.52
N LYS C 48 34.49 -15.56 19.05
CA LYS C 48 34.97 -15.97 20.37
C LYS C 48 33.95 -15.70 21.50
N ASP C 49 33.32 -14.52 21.46
CA ASP C 49 32.26 -14.14 22.42
C ASP C 49 31.19 -13.24 21.72
N PRO C 50 30.22 -13.87 21.05
CA PRO C 50 29.25 -13.11 20.23
C PRO C 50 28.38 -12.19 21.08
N GLN C 51 28.24 -10.93 20.66
CA GLN C 51 27.30 -9.97 21.28
C GLN C 51 25.94 -10.60 21.68
N LYS C 52 25.60 -10.48 22.96
CA LYS C 52 24.27 -10.93 23.47
C LYS C 52 23.25 -9.84 23.24
N MET C 53 22.03 -10.24 22.94
CA MET C 53 20.93 -9.31 22.83
C MET C 53 20.74 -8.49 24.14
N TYR C 54 20.43 -7.24 23.95
CA TYR C 54 19.99 -6.38 25.01
C TYR C 54 18.70 -5.72 24.57
N ALA C 55 18.05 -5.04 25.51
CA ALA C 55 16.78 -4.38 25.24
C ALA C 55 16.87 -2.92 25.64
N THR C 56 16.01 -2.10 25.04
CA THR C 56 15.92 -0.69 25.35
C THR C 56 14.45 -0.31 25.57
N ILE C 57 14.14 0.32 26.70
CA ILE C 57 12.77 0.77 26.98
C ILE C 57 12.67 2.30 26.79
N TYR C 58 11.72 2.71 25.95
CA TYR C 58 11.49 4.12 25.69
C TYR C 58 10.22 4.54 26.44
N GLU C 59 10.34 5.46 27.37
CA GLU C 59 9.17 5.98 28.08
C GLU C 59 9.01 7.46 27.76
N LEU C 60 7.86 7.82 27.23
CA LEU C 60 7.56 9.18 26.82
C LEU C 60 7.14 9.95 28.07
N LYS C 61 7.93 10.95 28.45
CA LYS C 61 7.59 11.80 29.58
C LYS C 61 6.53 12.85 29.20
N GLU C 62 5.97 13.49 30.22
CA GLU C 62 4.97 14.55 30.04
C GLU C 62 5.46 15.67 29.14
N ASP C 63 6.74 16.06 29.27
CA ASP C 63 7.34 17.10 28.42
C ASP C 63 7.82 16.65 27.02
N LYS C 64 7.50 15.43 26.62
CA LYS C 64 7.75 14.85 25.28
C LYS C 64 9.19 14.37 25.02
N SER C 65 10.05 14.44 26.03
CA SER C 65 11.35 13.78 25.92
C SER C 65 11.14 12.27 26.31
N TYR C 66 12.05 11.42 25.89
CA TYR C 66 12.05 10.04 26.35
C TYR C 66 13.03 9.82 27.50
N ASN C 67 12.59 9.08 28.51
CA ASN C 67 13.53 8.33 29.39
C ASN C 67 13.83 6.99 28.76
N VAL C 68 15.10 6.74 28.53
CA VAL C 68 15.54 5.60 27.74
C VAL C 68 16.41 4.70 28.65
N THR C 69 15.94 3.48 28.90
CA THR C 69 16.69 2.53 29.71
C THR C 69 17.07 1.30 28.87
N SER C 70 18.34 0.99 28.91
CA SER C 70 18.90 -0.20 28.28
C SER C 70 19.30 -1.19 29.33
N VAL C 71 19.05 -2.47 29.05
CA VAL C 71 19.26 -3.54 30.01
C VAL C 71 20.12 -4.54 29.24
N LEU C 72 21.26 -4.94 29.81
CA LEU C 72 22.20 -5.86 29.22
C LEU C 72 22.62 -6.88 30.27
N PHE C 73 22.71 -8.16 29.92
CA PHE C 73 23.28 -9.19 30.75
C PHE C 73 24.79 -9.25 30.52
N ARG C 74 25.58 -9.02 31.57
CA ARG C 74 27.02 -8.84 31.49
C ARG C 74 27.71 -9.17 32.83
N LYS C 75 28.70 -10.06 32.79
CA LYS C 75 29.40 -10.57 33.99
C LYS C 75 28.47 -11.13 35.06
N LYS C 76 27.44 -11.85 34.61
CA LYS C 76 26.48 -12.55 35.48
C LYS C 76 25.43 -11.62 36.13
N LYS C 77 25.38 -10.38 35.68
CA LYS C 77 24.55 -9.33 36.26
C LYS C 77 23.79 -8.59 35.21
N CYS C 78 22.71 -7.94 35.64
CA CYS C 78 21.95 -7.00 34.79
C CYS C 78 22.55 -5.60 34.91
N ASP C 79 22.96 -5.04 33.80
CA ASP C 79 23.51 -3.67 33.71
C ASP C 79 22.49 -2.76 33.11
N TYR C 80 22.27 -1.63 33.76
CA TYR C 80 21.28 -0.64 33.32
C TYR C 80 21.97 0.65 32.89
N TRP C 81 21.63 1.18 31.73
CA TRP C 81 22.17 2.46 31.21
C TRP C 81 20.92 3.33 31.00
N ILE C 82 20.89 4.50 31.63
CA ILE C 82 19.78 5.44 31.54
C ILE C 82 20.22 6.70 30.80
N ARG C 83 19.37 7.21 29.94
CA ARG C 83 19.61 8.51 29.32
C ARG C 83 18.28 9.15 28.90
N THR C 84 18.36 10.44 28.55
CA THR C 84 17.18 11.20 28.14
C THR C 84 17.41 11.62 26.72
N PHE C 85 16.43 11.32 25.87
CA PHE C 85 16.44 11.80 24.49
C PHE C 85 15.48 13.01 24.43
N VAL C 86 16.02 14.17 24.09
CA VAL C 86 15.28 15.42 23.96
C VAL C 86 14.90 15.60 22.50
N PRO C 87 13.61 15.92 22.19
CA PRO C 87 13.20 16.13 20.77
C PRO C 87 14.07 17.14 20.06
N GLY C 88 14.58 16.77 18.89
CA GLY C 88 15.50 17.60 18.12
C GLY C 88 14.74 18.40 17.05
N SER C 89 15.45 18.70 15.94
CA SER C 89 14.99 19.71 14.98
C SER C 89 13.74 19.25 14.18
N GLN C 90 13.62 17.94 13.95
CA GLN C 90 12.44 17.35 13.33
C GLN C 90 11.90 16.18 14.13
N PRO C 91 10.58 15.92 14.05
CA PRO C 91 9.99 14.77 14.70
C PRO C 91 10.70 13.46 14.30
N GLY C 92 11.09 12.68 15.27
CA GLY C 92 11.89 11.50 15.08
C GLY C 92 13.37 11.67 15.23
N GLU C 93 13.79 12.90 15.51
CA GLU C 93 15.17 13.20 15.89
C GLU C 93 15.25 13.58 17.36
N PHE C 94 16.39 13.23 17.98
CA PHE C 94 16.62 13.51 19.38
C PHE C 94 18.05 13.87 19.66
N THR C 95 18.25 14.72 20.65
CA THR C 95 19.56 14.98 21.17
C THR C 95 19.60 14.38 22.59
N LEU C 96 20.79 14.35 23.18
CA LEU C 96 21.00 13.73 24.47
C LEU C 96 20.84 14.76 25.49
N GLY C 97 19.97 14.55 26.48
CA GLY C 97 19.88 15.45 27.63
C GLY C 97 21.12 15.43 28.50
N ASN C 98 21.45 16.56 29.10
CA ASN C 98 22.56 16.73 30.05
C ASN C 98 23.89 16.23 29.51
N ILE C 99 24.19 16.59 28.29
CA ILE C 99 25.39 16.09 27.61
C ILE C 99 26.71 16.42 28.32
N LYS C 100 26.75 17.51 29.08
CA LYS C 100 27.93 17.88 29.90
C LYS C 100 28.30 16.86 31.01
N SER C 101 27.35 16.04 31.44
CA SER C 101 27.61 15.02 32.45
C SER C 101 28.19 13.70 31.86
N TYR C 102 28.42 13.65 30.55
CA TYR C 102 29.07 12.49 29.89
C TYR C 102 30.51 12.94 29.47
N PRO C 103 31.54 12.42 30.15
CA PRO C 103 32.90 12.93 29.88
C PRO C 103 33.40 12.65 28.48
N GLY C 104 33.98 13.66 27.84
CA GLY C 104 34.44 13.54 26.46
C GLY C 104 33.38 13.66 25.37
N LEU C 105 32.10 13.68 25.74
CA LEU C 105 31.01 13.71 24.77
C LEU C 105 30.66 15.13 24.33
N THR C 106 30.85 15.44 23.05
CA THR C 106 30.56 16.79 22.57
C THR C 106 29.34 16.85 21.66
N SER C 107 28.84 15.71 21.20
CA SER C 107 27.75 15.70 20.25
C SER C 107 27.09 14.33 20.29
N TYR C 108 25.77 14.29 20.20
CA TYR C 108 25.00 13.07 20.24
C TYR C 108 23.69 13.24 19.46
N LEU C 109 23.45 12.43 18.44
CA LEU C 109 22.27 12.58 17.60
C LEU C 109 21.58 11.22 17.45
N VAL C 110 20.23 11.25 17.53
CA VAL C 110 19.42 10.09 17.23
C VAL C 110 18.48 10.45 16.13
N ARG C 111 18.35 9.55 15.15
CA ARG C 111 17.38 9.68 14.10
C ARG C 111 16.69 8.34 13.87
N VAL C 112 15.35 8.34 14.02
CA VAL C 112 14.56 7.16 13.66
C VAL C 112 14.42 7.07 12.16
N VAL C 113 15.03 6.05 11.56
CA VAL C 113 15.06 5.90 10.10
C VAL C 113 13.70 5.41 9.59
N SER C 114 13.17 4.36 10.19
CA SER C 114 11.92 3.74 9.78
C SER C 114 11.36 2.93 10.90
N THR C 115 10.04 2.79 10.93
CA THR C 115 9.40 1.91 11.93
C THR C 115 8.00 1.69 11.50
N ASN C 116 7.41 0.54 11.86
CA ASN C 116 6.01 0.33 11.79
C ASN C 116 5.42 0.29 13.21
N TYR C 117 6.20 0.68 14.22
CA TYR C 117 5.73 0.82 15.65
C TYR C 117 5.39 -0.47 16.39
N ASN C 118 4.72 -1.40 15.73
CA ASN C 118 4.29 -2.65 16.43
C ASN C 118 5.12 -3.90 16.13
N GLN C 119 6.07 -3.82 15.20
CA GLN C 119 7.02 -4.95 14.95
C GLN C 119 8.50 -4.54 14.89
N HIS C 120 8.84 -3.51 14.12
CA HIS C 120 10.27 -3.20 13.91
C HIS C 120 10.60 -1.72 13.76
N ALA C 121 11.88 -1.41 13.99
CA ALA C 121 12.40 -0.06 13.75
C ALA C 121 13.87 -0.11 13.43
N MET C 122 14.33 0.85 12.66
CA MET C 122 15.76 1.09 12.50
C MET C 122 16.06 2.49 12.96
N VAL C 123 17.08 2.60 13.83
CA VAL C 123 17.46 3.88 14.45
C VAL C 123 18.94 4.14 14.23
N PHE C 124 19.24 5.34 13.72
CA PHE C 124 20.60 5.78 13.53
C PHE C 124 21.06 6.66 14.70
N PHE C 125 22.28 6.39 15.20
CA PHE C 125 22.94 7.15 16.21
C PHE C 125 24.31 7.66 15.76
N LYS C 126 24.64 8.88 16.17
CA LYS C 126 25.93 9.45 15.85
C LYS C 126 26.39 10.28 17.03
N LYS C 127 27.63 10.04 17.45
CA LYS C 127 28.21 10.81 18.52
C LYS C 127 29.64 11.16 18.25
N VAL C 128 30.05 12.26 18.83
CA VAL C 128 31.45 12.67 18.88
C VAL C 128 31.93 12.52 20.31
N SER C 129 32.94 11.66 20.49
CA SER C 129 33.51 11.38 21.82
C SER C 129 35.01 11.43 21.73
N GLN C 130 35.66 12.22 22.59
CA GLN C 130 37.10 12.55 22.47
C GLN C 130 37.48 13.09 21.05
N ASN C 131 36.57 13.83 20.45
CA ASN C 131 36.67 14.27 19.04
C ASN C 131 36.70 13.19 17.96
N ARG C 132 36.25 11.99 18.25
CA ARG C 132 36.16 10.91 17.25
C ARG C 132 34.72 10.68 16.96
N GLU C 133 34.38 10.57 15.68
CA GLU C 133 33.03 10.52 15.28
C GLU C 133 32.58 9.04 15.14
N TYR C 134 31.67 8.60 15.99
CA TYR C 134 31.14 7.27 15.96
C TYR C 134 29.71 7.28 15.45
N PHE C 135 29.31 6.25 14.71
CA PHE C 135 27.94 6.05 14.35
C PHE C 135 27.51 4.59 14.46
N LYS C 136 26.22 4.39 14.67
CA LYS C 136 25.64 3.07 14.69
C LYS C 136 24.22 3.03 14.26
N ILE C 137 23.78 1.83 13.83
CA ILE C 137 22.41 1.58 13.41
C ILE C 137 21.94 0.42 14.22
N THR C 138 20.81 0.59 14.93
CA THR C 138 20.15 -0.52 15.60
C THR C 138 18.95 -0.99 14.83
N LEU C 139 18.78 -2.30 14.74
CA LEU C 139 17.55 -2.86 14.21
C LEU C 139 16.82 -3.34 15.44
N TYR C 140 15.68 -2.73 15.69
CA TYR C 140 14.84 -3.06 16.85
C TYR C 140 13.69 -3.97 16.44
N GLY C 141 13.35 -4.95 17.30
CA GLY C 141 12.12 -5.72 17.20
C GLY C 141 11.27 -5.66 18.48
N ARG C 142 9.95 -5.70 18.34
CA ARG C 142 9.10 -5.88 19.50
C ARG C 142 9.21 -7.29 20.10
N THR C 143 9.62 -8.26 19.29
CA THR C 143 10.06 -9.55 19.78
C THR C 143 11.55 -9.76 19.46
N LYS C 144 12.08 -10.88 19.98
CA LYS C 144 13.47 -11.22 19.81
C LYS C 144 13.86 -11.78 18.44
N GLU C 145 12.92 -12.04 17.59
CA GLU C 145 13.17 -12.55 16.23
C GLU C 145 12.64 -11.51 15.22
N LEU C 146 13.31 -11.38 14.10
CA LEU C 146 12.64 -10.78 12.91
C LEU C 146 12.99 -11.63 11.68
N THR C 147 12.20 -11.38 10.66
CA THR C 147 12.27 -12.02 9.40
C THR C 147 13.63 -11.81 8.70
N SER C 148 13.91 -12.74 7.78
CA SER C 148 14.95 -12.57 6.78
C SER C 148 14.85 -11.27 5.99
N GLU C 149 13.63 -10.88 5.65
CA GLU C 149 13.42 -9.69 4.83
C GLU C 149 13.89 -8.44 5.55
N LEU C 150 13.54 -8.37 6.82
CA LEU C 150 13.98 -7.24 7.65
C LEU C 150 15.48 -7.28 7.91
N LYS C 151 16.06 -8.45 8.16
CA LYS C 151 17.53 -8.55 8.34
C LYS C 151 18.28 -8.07 7.08
N GLU C 152 17.87 -8.52 5.89
CA GLU C 152 18.49 -8.15 4.64
C GLU C 152 18.35 -6.67 4.37
N ASN C 153 17.21 -6.09 4.70
CA ASN C 153 16.99 -4.65 4.55
C ASN C 153 17.98 -3.90 5.43
N PHE C 154 18.16 -4.37 6.65
CA PHE C 154 19.10 -3.76 7.59
C PHE C 154 20.54 -3.85 7.13
N ILE C 155 20.92 -4.99 6.55
CA ILE C 155 22.27 -5.18 6.02
C ILE C 155 22.51 -4.27 4.81
N ARG C 156 21.55 -4.25 3.87
CA ARG C 156 21.62 -3.35 2.70
C ARG C 156 21.76 -1.88 3.16
N PHE C 157 20.96 -1.45 4.11
CA PHE C 157 21.06 -0.09 4.62
C PHE C 157 22.44 0.20 5.26
N SER C 158 22.89 -0.69 6.14
CA SER C 158 24.22 -0.57 6.77
C SER C 158 25.33 -0.48 5.77
N LYS C 159 25.28 -1.30 4.71
CA LYS C 159 26.28 -1.22 3.65
C LYS C 159 26.15 0.11 2.87
N SER C 160 24.94 0.62 2.63
CA SER C 160 24.81 1.94 1.96
C SER C 160 25.52 3.08 2.76
N LEU C 161 25.68 2.91 4.07
CA LEU C 161 26.41 3.87 4.89
C LEU C 161 27.89 3.57 5.02
N GLY C 162 28.40 2.65 4.20
CA GLY C 162 29.82 2.32 4.17
C GLY C 162 30.29 1.25 5.12
N LEU C 163 29.38 0.54 5.82
CA LEU C 163 29.85 -0.51 6.72
C LEU C 163 30.03 -1.87 5.99
N PRO C 164 31.19 -2.52 6.17
CA PRO C 164 31.33 -3.86 5.64
C PRO C 164 30.68 -4.87 6.63
N GLU C 165 30.51 -6.08 6.16
CA GLU C 165 29.87 -7.21 6.84
C GLU C 165 30.36 -7.46 8.26
N ASN C 166 31.65 -7.36 8.49
CA ASN C 166 32.16 -7.59 9.84
C ASN C 166 31.87 -6.43 10.83
N HIS C 167 31.24 -5.35 10.39
CA HIS C 167 30.71 -4.34 11.33
C HIS C 167 29.20 -4.46 11.54
N ILE C 168 28.61 -5.60 11.16
CA ILE C 168 27.18 -5.78 11.20
C ILE C 168 26.96 -7.05 11.98
N VAL C 169 26.24 -6.97 13.10
CA VAL C 169 26.06 -8.11 14.04
C VAL C 169 24.59 -8.35 14.37
N PHE C 170 24.23 -9.59 14.62
CA PHE C 170 22.89 -10.00 15.01
C PHE C 170 23.01 -10.65 16.38
N PRO C 171 22.82 -9.87 17.46
CA PRO C 171 22.91 -10.41 18.82
C PRO C 171 22.09 -11.67 19.06
N VAL C 172 22.65 -12.61 19.80
CA VAL C 172 21.97 -13.89 20.06
C VAL C 172 20.88 -13.62 21.12
N PRO C 173 19.62 -14.08 20.88
CA PRO C 173 18.55 -14.02 21.89
C PRO C 173 18.94 -14.71 23.19
N ILE C 174 18.69 -14.05 24.31
CA ILE C 174 18.85 -14.60 25.66
C ILE C 174 17.59 -14.27 26.46
N ASP C 175 17.49 -14.87 27.64
CA ASP C 175 16.40 -14.63 28.55
C ASP C 175 16.76 -13.87 29.82
N GLN C 176 18.02 -13.90 30.26
CA GLN C 176 18.43 -13.14 31.43
C GLN C 176 18.27 -11.60 31.20
N CYS C 177 17.74 -10.92 32.21
CA CYS C 177 17.62 -9.48 32.31
C CYS C 177 16.57 -8.86 31.40
N ILE C 178 16.45 -9.32 30.16
CA ILE C 178 15.72 -8.56 29.14
C ILE C 178 14.22 -8.90 28.95
N ASP C 179 13.74 -9.90 29.67
CA ASP C 179 12.30 -10.29 29.62
C ASP C 179 11.32 -9.46 30.46
TH TH D . -16.58 18.66 4.16
C7 7K9 E . -17.37 17.29 -1.74
N2 7K9 E . -17.66 16.84 -0.38
C9 7K9 E . -18.32 15.82 -0.04
C10 7K9 E . -18.58 15.43 1.37
O2 7K9 E . -18.81 15.13 -0.89
C24 7K9 E . -19.47 14.39 1.67
C25 7K9 E . -19.72 14.05 3.00
C26 7K9 E . -19.10 14.77 4.03
C27 7K9 E . -18.25 15.82 3.72
C28 7K9 E . -17.99 16.15 2.41
O8 7K9 E . -17.12 17.17 2.12
O9 7K9 E . -17.65 16.52 4.74
S SO4 F . -0.31 38.19 0.06
O1 SO4 F . -1.69 38.04 -0.46
O2 SO4 F . 0.09 36.92 0.71
O3 SO4 F . -0.28 39.32 1.05
O4 SO4 F . 0.63 38.49 -1.06
S SO4 G . -0.72 5.52 23.46
O1 SO4 G . 0.07 4.26 23.60
O2 SO4 G . -2.15 5.22 23.77
O3 SO4 G . -0.17 6.55 24.37
O4 SO4 G . -0.65 6.00 22.07
CL CL H . -10.64 14.63 6.11
C1 GOL I . 3.22 -4.28 6.88
O1 GOL I . 2.57 -4.63 8.13
C2 GOL I . 4.16 -3.10 7.09
O2 GOL I . 3.88 -2.50 8.35
C3 GOL I . 5.63 -3.53 7.07
O3 GOL I . 6.51 -2.41 7.28
C1 GOL J . -1.16 -4.47 11.52
O1 GOL J . -1.45 -3.37 12.38
C2 GOL J . -2.07 -4.51 10.28
O2 GOL J . -3.39 -4.02 10.57
C3 GOL J . -1.45 -3.71 9.14
O3 GOL J . -2.46 -3.22 8.26
TH TH K . -10.74 -13.22 -32.57
C7 7K9 L . -14.46 -9.03 -31.48
N2 7K9 L . -13.02 -9.17 -31.30
C9 7K9 L . -12.22 -8.54 -30.53
C10 7K9 L . -10.75 -8.87 -30.53
O2 7K9 L . -12.61 -7.66 -29.78
C24 7K9 L . -9.82 -7.88 -30.23
C25 7K9 L . -8.45 -8.19 -30.23
C26 7K9 L . -8.00 -9.47 -30.52
C27 7K9 L . -8.93 -10.46 -30.83
C28 7K9 L . -10.28 -10.16 -30.83
O8 7K9 L . -11.17 -11.14 -31.10
O9 7K9 L . -8.49 -11.72 -31.12
TH TH M . 26.16 4.11 23.77
C7 7K9 N . 30.13 1.12 20.52
N2 7K9 N . 29.22 2.23 20.27
C9 7K9 N . 29.22 3.16 19.42
C10 7K9 N . 28.12 4.19 19.39
O2 7K9 N . 30.08 3.26 18.58
C24 7K9 N . 27.83 4.93 18.25
C25 7K9 N . 26.81 5.88 18.26
C26 7K9 N . 26.06 6.11 19.42
C27 7K9 N . 26.35 5.38 20.57
C28 7K9 N . 27.37 4.43 20.54
O8 7K9 N . 27.68 3.75 21.63
O9 7K9 N . 25.64 5.59 21.73
S SO4 O . 3.90 -3.03 21.61
O1 SO4 O . 4.80 -4.19 21.41
O2 SO4 O . 2.94 -3.43 22.64
O3 SO4 O . 4.60 -1.85 22.17
O4 SO4 O . 3.21 -2.66 20.36
CL CL P . 19.46 1.09 21.87
#